data_3ASI
#
_entry.id   3ASI
#
_cell.length_a   72.910
_cell.length_b   79.380
_cell.length_c   78.135
_cell.angle_alpha   90.00
_cell.angle_beta   90.00
_cell.angle_gamma   90.00
#
_symmetry.space_group_name_H-M   'P 21 21 2'
#
loop_
_entity.id
_entity.type
_entity.pdbx_description
1 polymer Neurexin-1-alpha
2 non-polymer 'CALCIUM ION'
3 non-polymer 2-acetamido-2-deoxy-beta-D-glucopyranose
4 water water
#
_entity_poly.entity_id   1
_entity_poly.type   'polypeptide(L)'
_entity_poly.pdbx_seq_one_letter_code
;RNIIADPVTFKTKSSYVALATLQAYTSMHLFFQFKTTSLDGLILYNSGDGNDFIVVELVKGYLHYVFDLGNGANLIKGSS
NKPLNDNQWHNVMISRDTSNLHTVKIDTKITTQITAGARNLDLKSDLYIGGVAKETYKSLPKLVHAKEGFQGCLASVDLN
GRLPDLISDALFCNGQIERGCEGPSTTCQEDSCSNQGVCLQQWDGFSCDCSMTSFSGPLCNDPGTTYIFSKGGGQITYKW
PPNDRPSTRADRLAIGFSTVQKEAVLVRVDSSSGLGDYLELHIHQGKIGVKFNVGTDDIAIEESNAIINDGKYHVVRFTR
SGGNATLQVDSWPVIERYPAGRQLTIFNSQATIIIGGKEQGQPFQGQLSGLYYNGLKVLNMAAENDANIAIVGNVRLVGE
VSRLENLYFQ
;
_entity_poly.pdbx_strand_id   A
#
# COMPACT_ATOMS: atom_id res chain seq x y z
N ALA A 5 25.89 -5.78 -16.67
CA ALA A 5 26.83 -4.96 -17.50
C ALA A 5 26.47 -3.47 -17.51
N ASP A 6 27.44 -2.63 -17.14
CA ASP A 6 27.32 -1.16 -17.17
C ASP A 6 26.08 -0.62 -16.46
N PRO A 7 25.90 -0.93 -15.17
CA PRO A 7 24.66 -0.46 -14.52
C PRO A 7 24.55 1.06 -14.51
N VAL A 8 23.31 1.55 -14.64
CA VAL A 8 23.02 2.97 -14.58
C VAL A 8 21.86 3.21 -13.59
N THR A 9 21.99 4.25 -12.77
CA THR A 9 21.00 4.58 -11.73
C THR A 9 20.19 5.79 -12.13
N PHE A 10 18.87 5.62 -12.11
CA PHE A 10 17.93 6.71 -12.24
C PHE A 10 17.46 7.06 -10.83
N LYS A 11 18.03 8.14 -10.28
CA LYS A 11 17.85 8.45 -8.85
C LYS A 11 16.45 8.95 -8.51
N THR A 12 15.81 9.60 -9.47
CA THR A 12 14.44 10.07 -9.32
C THR A 12 13.57 9.46 -10.42
N LYS A 13 12.26 9.47 -10.20
CA LYS A 13 11.31 8.99 -11.18
C LYS A 13 11.35 9.89 -12.42
N SER A 14 11.48 11.19 -12.17
CA SER A 14 11.45 12.20 -13.23
C SER A 14 12.66 12.11 -14.17
N SER A 15 13.75 11.49 -13.72
CA SER A 15 14.94 11.33 -14.54
C SER A 15 14.75 10.27 -15.63
N TYR A 16 15.23 10.56 -16.82
CA TYR A 16 15.16 9.64 -17.96
C TYR A 16 16.24 10.00 -18.97
N VAL A 17 16.48 9.10 -19.92
CA VAL A 17 17.30 9.39 -21.11
C VAL A 17 16.54 9.12 -22.41
N ALA A 18 17.00 9.75 -23.48
CA ALA A 18 16.44 9.55 -24.80
C ALA A 18 17.52 9.01 -25.72
N LEU A 19 17.26 7.85 -26.32
CA LEU A 19 18.16 7.24 -27.30
C LEU A 19 17.55 7.36 -28.69
N ALA A 20 18.32 7.05 -29.72
CA ALA A 20 17.78 6.97 -31.09
C ALA A 20 16.70 5.90 -31.19
N THR A 21 15.69 6.19 -32.01
CA THR A 21 14.57 5.30 -32.31
C THR A 21 14.90 3.82 -32.32
N LEU A 22 14.10 3.03 -31.61
CA LEU A 22 14.21 1.59 -31.69
C LEU A 22 13.64 1.14 -33.03
N GLN A 23 14.40 0.30 -33.73
CA GLN A 23 13.92 -0.29 -34.97
CA GLN A 23 13.95 -0.31 -34.98
C GLN A 23 13.45 -1.71 -34.65
N ALA A 24 12.13 -1.89 -34.72
CA ALA A 24 11.52 -3.18 -34.38
C ALA A 24 10.43 -3.52 -35.40
N TYR A 25 10.75 -3.31 -36.66
CA TYR A 25 9.76 -3.27 -37.71
C TYR A 25 9.10 -4.62 -37.99
N THR A 26 9.89 -5.64 -38.34
CA THR A 26 9.30 -6.96 -38.62
C THR A 26 9.51 -7.98 -37.50
N SER A 27 10.39 -7.64 -36.56
CA SER A 27 10.60 -8.44 -35.35
C SER A 27 11.24 -7.58 -34.24
N MET A 28 11.28 -8.11 -33.02
CA MET A 28 11.84 -7.38 -31.89
C MET A 28 12.46 -8.31 -30.88
N HIS A 29 13.57 -7.88 -30.28
CA HIS A 29 14.17 -8.59 -29.17
C HIS A 29 14.79 -7.57 -28.20
N LEU A 30 14.18 -7.43 -27.03
CA LEU A 30 14.69 -6.54 -26.01
C LEU A 30 15.12 -7.36 -24.81
N PHE A 31 16.21 -6.94 -24.20
CA PHE A 31 16.63 -7.50 -22.93
C PHE A 31 17.18 -6.40 -22.04
N PHE A 32 16.84 -6.46 -20.75
CA PHE A 32 17.46 -5.61 -19.75
C PHE A 32 17.34 -6.20 -18.34
N GLN A 33 18.13 -5.66 -17.43
CA GLN A 33 18.01 -6.01 -16.03
C GLN A 33 17.65 -4.77 -15.23
N PHE A 34 16.80 -4.94 -14.21
CA PHE A 34 16.40 -3.83 -13.37
C PHE A 34 16.45 -4.17 -11.89
N LYS A 35 16.50 -3.13 -11.07
CA LYS A 35 16.48 -3.27 -9.63
C LYS A 35 15.84 -2.00 -9.10
N THR A 36 14.81 -2.16 -8.27
CA THR A 36 14.00 -1.03 -7.83
C THR A 36 13.29 -1.31 -6.50
N THR A 37 12.84 -0.24 -5.85
CA THR A 37 12.04 -0.35 -4.64
C THR A 37 10.61 0.15 -4.85
N SER A 38 10.36 0.79 -6.00
CA SER A 38 9.06 1.41 -6.27
C SER A 38 8.08 0.49 -6.99
N LEU A 39 6.80 0.66 -6.69
CA LEU A 39 5.73 -0.14 -7.26
C LEU A 39 5.43 0.25 -8.71
N ASP A 40 5.46 1.55 -8.97
CA ASP A 40 5.06 2.10 -10.27
C ASP A 40 6.17 2.91 -10.94
N GLY A 41 6.19 2.87 -12.27
CA GLY A 41 7.14 3.68 -13.05
C GLY A 41 7.25 3.26 -14.50
N LEU A 42 7.35 4.24 -15.38
CA LEU A 42 7.60 4.00 -16.80
C LEU A 42 9.09 3.71 -17.04
N ILE A 43 9.37 2.51 -17.56
CA ILE A 43 10.73 2.07 -17.86
C ILE A 43 11.13 2.40 -19.31
N LEU A 44 10.19 2.27 -20.25
CA LEU A 44 10.49 2.38 -21.67
C LEU A 44 9.31 2.88 -22.48
N TYR A 45 9.57 3.86 -23.34
CA TYR A 45 8.54 4.33 -24.26
C TYR A 45 9.16 4.64 -25.62
N ASN A 46 8.45 4.23 -26.67
CA ASN A 46 8.75 4.62 -28.04
C ASN A 46 7.43 4.65 -28.80
N SER A 47 7.10 5.78 -29.39
CA SER A 47 5.91 5.85 -30.23
C SER A 47 6.31 5.92 -31.70
N GLY A 48 5.32 5.85 -32.58
CA GLY A 48 5.57 5.80 -34.02
C GLY A 48 4.48 6.45 -34.82
N ASP A 49 4.24 5.93 -36.03
CA ASP A 49 3.24 6.53 -36.89
C ASP A 49 1.84 6.08 -36.52
N GLY A 50 0.89 6.99 -36.67
CA GLY A 50 -0.48 6.76 -36.24
C GLY A 50 -0.50 6.52 -34.75
N ASN A 51 -0.90 5.32 -34.37
CA ASN A 51 -1.05 4.93 -32.98
C ASN A 51 0.00 3.91 -32.50
N ASP A 52 0.93 3.51 -33.36
CA ASP A 52 1.96 2.55 -32.96
C ASP A 52 2.76 3.04 -31.74
N PHE A 53 3.02 2.12 -30.82
CA PHE A 53 3.90 2.39 -29.67
C PHE A 53 4.29 1.09 -28.99
N ILE A 54 5.37 1.16 -28.21
CA ILE A 54 5.66 0.15 -27.19
C ILE A 54 5.95 0.84 -25.86
N VAL A 55 5.64 0.15 -24.76
CA VAL A 55 5.85 0.63 -23.41
C VAL A 55 6.22 -0.54 -22.54
N VAL A 56 7.18 -0.32 -21.65
CA VAL A 56 7.45 -1.23 -20.55
C VAL A 56 7.34 -0.43 -19.26
N GLU A 57 6.62 -0.98 -18.28
CA GLU A 57 6.31 -0.25 -17.05
C GLU A 57 6.08 -1.17 -15.86
N LEU A 58 6.40 -0.67 -14.67
CA LEU A 58 6.01 -1.34 -13.45
C LEU A 58 4.66 -0.80 -13.00
N VAL A 59 3.75 -1.71 -12.66
CA VAL A 59 2.44 -1.35 -12.13
C VAL A 59 2.21 -2.25 -10.91
N LYS A 60 2.08 -1.61 -9.74
CA LYS A 60 1.94 -2.33 -8.47
C LYS A 60 3.01 -3.42 -8.26
N GLY A 61 4.22 -3.15 -8.76
CA GLY A 61 5.34 -4.07 -8.62
C GLY A 61 5.48 -5.11 -9.73
N TYR A 62 4.56 -5.09 -10.69
CA TYR A 62 4.52 -6.06 -11.77
C TYR A 62 4.88 -5.45 -13.12
N LEU A 63 5.66 -6.21 -13.89
CA LEU A 63 6.11 -5.73 -15.18
C LEU A 63 5.00 -5.88 -16.23
N HIS A 64 4.62 -4.75 -16.81
CA HIS A 64 3.65 -4.74 -17.90
C HIS A 64 4.35 -4.34 -19.21
N TYR A 65 4.01 -5.08 -20.27
CA TYR A 65 4.39 -4.75 -21.63
C TYR A 65 3.13 -4.34 -22.40
N VAL A 66 3.08 -3.08 -22.79
CA VAL A 66 1.93 -2.51 -23.47
C VAL A 66 2.39 -2.06 -24.87
N PHE A 67 1.57 -2.35 -25.88
CA PHE A 67 1.93 -2.08 -27.26
C PHE A 67 0.72 -1.91 -28.17
N ASP A 68 0.96 -1.30 -29.33
CA ASP A 68 -0.03 -1.16 -30.38
C ASP A 68 0.70 -1.34 -31.71
N LEU A 69 0.38 -2.40 -32.44
CA LEU A 69 1.05 -2.68 -33.72
C LEU A 69 0.35 -1.98 -34.87
N GLY A 70 -0.67 -1.20 -34.55
CA GLY A 70 -1.43 -0.46 -35.55
C GLY A 70 -2.92 -0.80 -35.59
N ASN A 71 -3.31 -1.86 -34.90
CA ASN A 71 -4.72 -2.31 -34.85
C ASN A 71 -5.33 -2.38 -33.44
N GLY A 72 -4.73 -1.65 -32.50
CA GLY A 72 -5.28 -1.54 -31.15
C GLY A 72 -4.28 -1.85 -30.04
N ALA A 73 -4.47 -1.19 -28.89
CA ALA A 73 -3.56 -1.33 -27.76
C ALA A 73 -3.76 -2.66 -27.04
N ASN A 74 -2.66 -3.34 -26.74
CA ASN A 74 -2.68 -4.61 -26.04
C ASN A 74 -1.73 -4.62 -24.86
N LEU A 75 -2.03 -5.49 -23.90
CA LEU A 75 -1.28 -5.59 -22.66
C LEU A 75 -0.88 -7.03 -22.41
N ILE A 76 0.42 -7.22 -22.15
CA ILE A 76 0.92 -8.49 -21.64
C ILE A 76 1.45 -8.25 -20.23
N LYS A 77 0.96 -9.06 -19.29
CA LYS A 77 1.44 -9.03 -17.91
C LYS A 77 2.54 -10.06 -17.79
N GLY A 78 3.74 -9.60 -17.42
CA GLY A 78 4.82 -10.51 -17.08
C GLY A 78 4.45 -11.34 -15.87
N SER A 79 4.85 -12.60 -15.88
CA SER A 79 4.45 -13.52 -14.84
C SER A 79 5.48 -13.55 -13.72
N SER A 80 5.05 -13.17 -12.53
CA SER A 80 5.87 -13.38 -11.34
C SER A 80 5.00 -13.77 -10.14
N ASN A 81 5.56 -14.59 -9.26
CA ASN A 81 4.92 -14.97 -8.01
C ASN A 81 4.83 -13.78 -7.06
N LYS A 82 5.86 -12.94 -7.07
CA LYS A 82 5.98 -11.78 -6.18
C LYS A 82 5.99 -10.48 -6.98
N PRO A 83 5.66 -9.35 -6.32
CA PRO A 83 6.02 -8.07 -6.92
C PRO A 83 7.55 -7.98 -7.07
N LEU A 84 8.01 -7.23 -8.05
CA LEU A 84 9.43 -7.23 -8.41
C LEU A 84 10.23 -6.06 -7.83
N ASN A 85 9.58 -5.20 -7.05
CA ASN A 85 10.24 -4.07 -6.41
C ASN A 85 10.87 -4.45 -5.06
N ASP A 86 11.67 -5.51 -5.06
CA ASP A 86 12.19 -6.07 -3.83
C ASP A 86 13.68 -5.78 -3.63
N ASN A 87 14.18 -4.77 -4.32
CA ASN A 87 15.60 -4.37 -4.26
C ASN A 87 16.55 -5.51 -4.67
N GLN A 88 16.09 -6.32 -5.63
CA GLN A 88 16.85 -7.43 -6.21
C GLN A 88 16.88 -7.28 -7.73
N TRP A 89 17.93 -7.77 -8.37
CA TRP A 89 18.06 -7.69 -9.83
C TRP A 89 17.08 -8.64 -10.51
N HIS A 90 16.40 -8.17 -11.55
CA HIS A 90 15.53 -9.02 -12.35
C HIS A 90 15.84 -8.91 -13.85
N ASN A 91 15.90 -10.07 -14.50
CA ASN A 91 16.06 -10.16 -15.95
C ASN A 91 14.74 -10.04 -16.70
N VAL A 92 14.70 -9.16 -17.70
CA VAL A 92 13.49 -8.99 -18.52
C VAL A 92 13.81 -9.23 -20.01
N MET A 93 13.05 -10.14 -20.62
CA MET A 93 13.21 -10.46 -22.03
C MET A 93 11.88 -10.28 -22.75
N ILE A 94 11.85 -9.38 -23.73
CA ILE A 94 10.66 -9.16 -24.56
C ILE A 94 10.96 -9.31 -26.06
N SER A 95 10.33 -10.30 -26.68
CA SER A 95 10.48 -10.53 -28.11
C SER A 95 9.15 -10.54 -28.86
N ARG A 96 9.22 -10.20 -30.14
CA ARG A 96 8.13 -10.39 -31.08
C ARG A 96 8.73 -11.01 -32.35
N ASP A 97 8.19 -12.14 -32.79
CA ASP A 97 8.60 -12.74 -34.06
C ASP A 97 7.83 -12.16 -35.26
N THR A 98 8.19 -12.59 -36.48
CA THR A 98 7.61 -12.02 -37.71
C THR A 98 6.11 -12.26 -37.90
N SER A 99 5.59 -13.29 -37.25
CA SER A 99 4.16 -13.60 -37.30
C SER A 99 3.36 -12.91 -36.18
N ASN A 100 4.07 -12.16 -35.34
CA ASN A 100 3.48 -11.36 -34.25
C ASN A 100 3.19 -12.13 -32.97
N LEU A 101 3.97 -13.18 -32.71
CA LEU A 101 3.95 -13.85 -31.42
C LEU A 101 4.90 -13.11 -30.46
N HIS A 102 4.34 -12.56 -29.39
CA HIS A 102 5.13 -11.91 -28.34
C HIS A 102 5.48 -12.90 -27.24
N THR A 103 6.68 -12.74 -26.71
CA THR A 103 7.14 -13.52 -25.56
C THR A 103 7.71 -12.55 -24.50
N VAL A 104 7.28 -12.74 -23.26
CA VAL A 104 7.80 -11.99 -22.12
C VAL A 104 8.40 -12.96 -21.12
N LYS A 105 9.70 -12.80 -20.86
CA LYS A 105 10.39 -13.64 -19.91
C LYS A 105 10.87 -12.79 -18.73
N ILE A 106 10.30 -13.06 -17.57
CA ILE A 106 10.71 -12.39 -16.34
C ILE A 106 11.38 -13.44 -15.48
N ASP A 107 12.70 -13.32 -15.38
CA ASP A 107 13.56 -14.32 -14.74
C ASP A 107 13.38 -15.70 -15.39
N THR A 108 12.65 -16.60 -14.75
CA THR A 108 12.42 -17.93 -15.34
C THR A 108 11.03 -18.12 -15.94
N LYS A 109 10.10 -17.21 -15.64
CA LYS A 109 8.71 -17.38 -16.03
C LYS A 109 8.40 -16.78 -17.40
N ILE A 110 7.76 -17.57 -18.26
CA ILE A 110 7.46 -17.21 -19.65
C ILE A 110 5.98 -16.96 -19.87
N THR A 111 5.66 -15.85 -20.52
CA THR A 111 4.30 -15.51 -20.94
C THR A 111 4.30 -15.24 -22.44
N THR A 112 3.34 -15.82 -23.15
CA THR A 112 3.23 -15.66 -24.62
C THR A 112 1.84 -15.20 -25.05
N GLN A 113 1.78 -14.48 -26.16
CA GLN A 113 0.56 -13.87 -26.66
C GLN A 113 0.77 -13.51 -28.13
N ILE A 114 -0.23 -13.81 -28.96
CA ILE A 114 -0.16 -13.49 -30.38
C ILE A 114 -1.20 -12.43 -30.70
N THR A 115 -0.83 -11.46 -31.52
CA THR A 115 -1.76 -10.46 -31.98
C THR A 115 -2.23 -10.80 -33.40
N ALA A 116 -3.55 -10.98 -33.54
CA ALA A 116 -4.17 -11.23 -34.84
C ALA A 116 -4.42 -9.95 -35.59
N GLY A 117 -4.29 -9.98 -36.91
CA GLY A 117 -4.64 -8.86 -37.77
C GLY A 117 -3.70 -7.66 -37.74
N ALA A 118 -2.52 -7.84 -37.16
CA ALA A 118 -1.51 -6.80 -37.11
C ALA A 118 -0.46 -7.03 -38.20
N ARG A 119 0.11 -5.95 -38.70
CA ARG A 119 1.22 -6.05 -39.64
C ARG A 119 2.54 -5.80 -38.90
N ASN A 120 3.11 -4.62 -39.13
CA ASN A 120 4.43 -4.28 -38.62
C ASN A 120 4.38 -3.15 -37.58
N LEU A 121 5.43 -3.06 -36.78
CA LEU A 121 5.54 -2.00 -35.77
C LEU A 121 6.40 -0.85 -36.31
N ASP A 122 5.79 0.32 -36.51
CA ASP A 122 6.49 1.44 -37.12
C ASP A 122 6.84 2.55 -36.13
N LEU A 123 7.95 2.37 -35.41
CA LEU A 123 8.39 3.32 -34.39
C LEU A 123 9.15 4.48 -35.02
N LYS A 124 8.91 5.68 -34.51
CA LYS A 124 9.49 6.91 -35.11
C LYS A 124 10.13 7.86 -34.10
N SER A 125 9.56 8.00 -32.91
CA SER A 125 10.12 8.91 -31.90
C SER A 125 11.45 8.39 -31.36
N ASP A 126 12.15 9.21 -30.58
CA ASP A 126 13.26 8.71 -29.78
C ASP A 126 12.78 7.58 -28.88
N LEU A 127 13.72 6.75 -28.44
CA LEU A 127 13.46 5.74 -27.44
C LEU A 127 13.74 6.30 -26.04
N TYR A 128 12.68 6.46 -25.25
CA TYR A 128 12.77 7.00 -23.89
C TYR A 128 12.96 5.88 -22.87
N ILE A 129 13.99 6.02 -22.05
CA ILE A 129 14.34 5.01 -21.05
C ILE A 129 14.41 5.69 -19.68
N GLY A 130 13.75 5.10 -18.69
CA GLY A 130 13.70 5.66 -17.33
C GLY A 130 12.50 6.55 -17.09
N GLY A 131 11.86 7.00 -18.16
CA GLY A 131 10.74 7.91 -18.07
C GLY A 131 10.59 8.72 -19.33
N VAL A 132 9.78 9.77 -19.25
CA VAL A 132 9.59 10.74 -20.35
C VAL A 132 9.49 12.14 -19.75
N ALA A 133 9.48 13.16 -20.60
CA ALA A 133 9.23 14.54 -20.17
C ALA A 133 7.91 14.58 -19.43
N LYS A 134 7.82 15.41 -18.39
CA LYS A 134 6.64 15.43 -17.52
C LYS A 134 5.34 15.71 -18.27
N GLU A 135 5.40 16.57 -19.28
CA GLU A 135 4.22 16.90 -20.10
C GLU A 135 3.83 15.82 -21.13
N THR A 136 4.66 14.78 -21.27
CA THR A 136 4.38 13.65 -22.16
C THR A 136 3.40 12.64 -21.53
N TYR A 137 3.43 12.53 -20.21
CA TYR A 137 2.55 11.62 -19.45
C TYR A 137 1.06 11.80 -19.75
N LYS A 138 0.65 13.03 -20.03
CA LYS A 138 -0.75 13.37 -20.28
C LYS A 138 -1.24 12.96 -21.67
N SER A 139 -0.33 12.67 -22.59
CA SER A 139 -0.73 12.20 -23.92
C SER A 139 -0.24 10.77 -24.19
N LEU A 140 0.00 10.02 -23.11
CA LEU A 140 0.30 8.60 -23.23
C LEU A 140 -0.92 7.83 -23.69
N PRO A 141 -0.73 6.65 -24.32
CA PRO A 141 -1.88 5.83 -24.67
C PRO A 141 -2.70 5.45 -23.44
N LYS A 142 -4.01 5.39 -23.62
CA LYS A 142 -4.95 5.21 -22.50
C LYS A 142 -4.67 3.96 -21.67
N LEU A 143 -4.18 2.91 -22.33
CA LEU A 143 -3.90 1.64 -21.66
C LEU A 143 -2.66 1.71 -20.74
N VAL A 144 -1.82 2.71 -20.94
CA VAL A 144 -0.64 2.89 -20.10
C VAL A 144 -1.04 3.55 -18.77
N HIS A 145 -0.65 2.93 -17.65
CA HIS A 145 -1.04 3.41 -16.33
CA HIS A 145 -1.01 3.38 -16.31
C HIS A 145 -0.08 4.47 -15.77
N ALA A 146 1.19 4.41 -16.16
CA ALA A 146 2.22 5.32 -15.61
C ALA A 146 1.88 6.81 -15.69
N LYS A 147 2.03 7.46 -14.55
CA LYS A 147 1.96 8.92 -14.46
C LYS A 147 3.32 9.48 -14.05
N GLU A 148 4.24 8.57 -13.74
CA GLU A 148 5.62 8.94 -13.34
C GLU A 148 6.65 7.94 -13.88
N GLY A 149 7.90 8.37 -13.90
CA GLY A 149 8.99 7.57 -14.43
C GLY A 149 9.51 6.50 -13.50
N PHE A 150 10.52 5.79 -13.95
CA PHE A 150 11.16 4.73 -13.20
C PHE A 150 12.27 5.29 -12.30
N GLN A 151 12.39 4.72 -11.11
CA GLN A 151 13.47 5.02 -10.20
C GLN A 151 14.14 3.70 -9.83
N GLY A 152 15.46 3.66 -9.89
CA GLY A 152 16.20 2.43 -9.65
C GLY A 152 17.41 2.27 -10.58
N CYS A 153 17.85 1.02 -10.73
CA CYS A 153 18.98 0.68 -11.60
C CYS A 153 18.58 -0.13 -12.83
N LEU A 154 19.03 0.31 -14.00
CA LEU A 154 18.99 -0.51 -15.21
C LEU A 154 20.39 -0.94 -15.64
N ALA A 155 20.49 -2.15 -16.19
CA ALA A 155 21.76 -2.70 -16.69
C ALA A 155 21.55 -3.63 -17.89
N SER A 156 22.65 -3.94 -18.59
CA SER A 156 22.67 -4.87 -19.74
C SER A 156 21.55 -4.66 -20.78
N VAL A 157 21.28 -3.41 -21.14
CA VAL A 157 20.25 -3.12 -22.12
C VAL A 157 20.66 -3.57 -23.54
N ASP A 158 19.91 -4.53 -24.09
CA ASP A 158 20.13 -5.07 -25.42
C ASP A 158 18.89 -4.85 -26.29
N LEU A 159 19.05 -4.02 -27.31
CA LEU A 159 17.96 -3.69 -28.21
C LEU A 159 17.97 -4.53 -29.49
N ASN A 160 18.55 -5.73 -29.41
CA ASN A 160 18.65 -6.67 -30.54
C ASN A 160 19.93 -6.42 -31.33
N GLY A 161 21.07 -6.80 -30.76
CA GLY A 161 22.37 -6.54 -31.38
C GLY A 161 22.69 -5.05 -31.42
N ARG A 162 22.15 -4.34 -30.44
CA ARG A 162 22.37 -2.92 -30.24
C ARG A 162 22.49 -2.78 -28.73
N LEU A 163 23.71 -2.48 -28.26
CA LEU A 163 23.99 -2.44 -26.83
C LEU A 163 24.40 -1.03 -26.44
N PRO A 164 23.42 -0.13 -26.26
CA PRO A 164 23.79 1.26 -26.02
C PRO A 164 24.30 1.50 -24.60
N ASP A 165 25.23 2.43 -24.46
CA ASP A 165 25.52 2.99 -23.16
C ASP A 165 24.45 4.04 -22.91
N LEU A 166 23.64 3.84 -21.88
CA LEU A 166 22.50 4.72 -21.58
C LEU A 166 22.89 6.18 -21.35
N ILE A 167 24.15 6.42 -20.96
CA ILE A 167 24.66 7.78 -20.81
C ILE A 167 25.36 8.29 -22.08
N SER A 168 26.36 7.55 -22.57
CA SER A 168 27.18 8.00 -23.71
C SER A 168 26.43 8.05 -25.05
N ASP A 169 25.55 7.08 -25.28
CA ASP A 169 24.72 7.04 -26.49
C ASP A 169 23.43 7.87 -26.41
N ALA A 170 23.15 8.45 -25.24
CA ALA A 170 21.94 9.27 -25.06
C ALA A 170 21.99 10.57 -25.85
N LEU A 171 20.90 10.88 -26.55
CA LEU A 171 20.78 12.15 -27.27
C LEU A 171 20.38 13.26 -26.32
N PHE A 172 19.87 12.88 -25.14
CA PHE A 172 19.43 13.81 -24.11
C PHE A 172 19.29 13.08 -22.78
N CYS A 173 19.75 13.72 -21.70
CA CYS A 173 19.64 13.19 -20.35
C CYS A 173 18.90 14.20 -19.48
N ASN A 174 17.96 13.71 -18.68
CA ASN A 174 17.22 14.56 -17.78
C ASN A 174 17.35 14.10 -16.34
N GLY A 175 17.71 15.02 -15.46
CA GLY A 175 17.67 14.78 -14.02
C GLY A 175 18.87 14.04 -13.46
N GLN A 176 18.67 13.43 -12.30
CA GLN A 176 19.75 12.81 -11.56
C GLN A 176 20.02 11.38 -12.03
N ILE A 177 21.11 11.22 -12.78
CA ILE A 177 21.53 9.95 -13.37
C ILE A 177 23.02 9.76 -13.07
N GLU A 178 23.40 8.53 -12.69
CA GLU A 178 24.80 8.19 -12.44
C GLU A 178 25.17 6.84 -13.04
N ARG A 179 26.47 6.63 -13.24
CA ARG A 179 26.99 5.29 -13.52
C ARG A 179 27.06 4.50 -12.24
N GLY A 180 26.99 3.18 -12.37
CA GLY A 180 26.96 2.28 -11.23
C GLY A 180 25.54 2.11 -10.73
N CYS A 181 25.35 1.21 -9.77
CA CYS A 181 24.06 1.07 -9.11
C CYS A 181 24.18 1.66 -7.71
N GLU A 182 23.63 2.86 -7.56
CA GLU A 182 23.57 3.51 -6.25
C GLU A 182 22.24 3.17 -5.60
N GLY A 183 22.18 1.94 -5.07
CA GLY A 183 21.03 1.46 -4.33
C GLY A 183 20.91 2.16 -2.99
N PRO A 184 19.88 1.81 -2.19
CA PRO A 184 19.75 2.42 -0.87
C PRO A 184 20.87 1.94 0.03
N SER A 185 21.56 2.90 0.66
CA SER A 185 22.62 2.58 1.62
C SER A 185 22.06 2.33 3.03
N THR A 186 20.98 3.03 3.36
CA THR A 186 20.23 2.76 4.59
C THR A 186 19.03 1.87 4.31
N THR A 187 19.14 0.62 4.75
CA THR A 187 18.12 -0.40 4.49
C THR A 187 17.35 -0.79 5.75
N CYS A 188 16.15 -1.31 5.56
CA CYS A 188 15.25 -1.71 6.65
C CYS A 188 15.85 -2.76 7.59
N GLN A 189 16.07 -2.38 8.85
CA GLN A 189 16.50 -3.30 9.91
C GLN A 189 15.31 -3.55 10.84
N GLU A 190 15.43 -4.54 11.73
CA GLU A 190 14.37 -4.89 12.68
C GLU A 190 13.90 -3.74 13.58
N ASP A 191 14.84 -2.88 13.98
CA ASP A 191 14.51 -1.72 14.83
C ASP A 191 14.50 -0.37 14.10
N SER A 192 14.43 -0.40 12.77
CA SER A 192 14.37 0.82 11.96
C SER A 192 13.21 1.73 12.38
N CYS A 193 12.02 1.15 12.52
CA CYS A 193 10.84 1.87 13.01
C CYS A 193 10.55 1.49 14.46
N SER A 194 10.16 2.48 15.27
CA SER A 194 9.82 2.26 16.68
C SER A 194 8.43 1.65 16.81
N ASN A 195 8.15 1.12 18.00
CA ASN A 195 6.80 0.74 18.41
C ASN A 195 6.09 -0.23 17.45
N GLN A 196 6.86 -1.21 16.94
CA GLN A 196 6.36 -2.24 16.03
C GLN A 196 5.91 -1.71 14.65
N GLY A 197 6.35 -0.51 14.29
CA GLY A 197 6.07 0.06 12.98
C GLY A 197 6.64 -0.78 11.86
N VAL A 198 5.97 -0.80 10.71
CA VAL A 198 6.46 -1.60 9.56
C VAL A 198 7.36 -0.75 8.68
N CYS A 199 8.59 -1.19 8.49
CA CYS A 199 9.56 -0.49 7.65
C CYS A 199 9.32 -0.78 6.17
N LEU A 200 9.12 0.28 5.38
CA LEU A 200 8.95 0.15 3.92
C LEU A 200 10.18 0.71 3.21
N GLN A 201 10.91 -0.17 2.51
CA GLN A 201 12.13 0.23 1.81
C GLN A 201 11.85 1.22 0.68
N GLN A 202 12.57 2.34 0.69
CA GLN A 202 12.57 3.27 -0.45
C GLN A 202 13.94 3.30 -1.13
N TRP A 203 14.06 4.08 -2.19
CA TRP A 203 15.30 4.10 -2.95
C TRP A 203 16.44 4.83 -2.26
N ASP A 204 16.12 5.89 -1.53
CA ASP A 204 17.10 6.72 -0.82
C ASP A 204 17.05 6.59 0.72
N GLY A 205 16.33 5.59 1.20
CA GLY A 205 16.17 5.37 2.63
C GLY A 205 14.96 4.48 2.89
N PHE A 206 14.21 4.80 3.95
CA PHE A 206 13.01 4.05 4.28
C PHE A 206 11.94 4.93 4.91
N SER A 207 10.69 4.53 4.77
CA SER A 207 9.61 5.14 5.53
C SER A 207 8.98 4.09 6.45
N CYS A 208 8.04 4.53 7.29
CA CYS A 208 7.44 3.67 8.30
C CYS A 208 5.92 3.70 8.24
N ASP A 209 5.31 2.52 8.20
CA ASP A 209 3.86 2.42 8.33
C ASP A 209 3.53 2.35 9.83
N CYS A 210 2.89 3.41 10.33
CA CYS A 210 2.57 3.55 11.76
C CYS A 210 1.12 3.16 12.11
N SER A 211 0.35 2.78 11.09
CA SER A 211 -1.05 2.32 11.21
C SER A 211 -1.43 1.60 12.50
N MET A 212 -0.69 0.55 12.84
CA MET A 212 -1.02 -0.31 13.96
C MET A 212 -0.24 0.02 15.24
N THR A 213 0.34 1.22 15.32
CA THR A 213 1.19 1.57 16.48
C THR A 213 0.54 2.55 17.47
N SER A 214 -0.51 3.25 17.05
CA SER A 214 -1.10 4.40 17.77
C SER A 214 -0.23 5.66 17.75
N PHE A 215 0.97 5.55 17.19
CA PHE A 215 1.89 6.68 17.12
C PHE A 215 1.97 7.29 15.71
N SER A 216 2.69 8.40 15.59
CA SER A 216 2.84 9.11 14.32
C SER A 216 4.29 9.55 14.10
N GLY A 217 4.52 10.33 13.05
CA GLY A 217 5.85 10.80 12.70
C GLY A 217 6.56 9.80 11.81
N PRO A 218 7.73 10.19 11.25
CA PRO A 218 8.48 9.37 10.28
C PRO A 218 8.99 8.05 10.84
N LEU A 219 9.13 7.95 12.17
CA LEU A 219 9.68 6.73 12.79
C LEU A 219 8.71 6.05 13.75
N CYS A 220 7.46 6.53 13.76
CA CYS A 220 6.42 6.06 14.69
C CYS A 220 6.83 6.30 16.15
N ASN A 221 7.51 7.43 16.38
CA ASN A 221 7.97 7.83 17.70
C ASN A 221 7.23 9.01 18.32
N ASP A 222 6.35 9.63 17.54
CA ASP A 222 5.64 10.82 17.99
C ASP A 222 4.23 10.48 18.45
N PRO A 223 3.71 11.22 19.43
CA PRO A 223 2.35 10.93 19.92
C PRO A 223 1.31 11.02 18.80
N GLY A 224 0.35 10.08 18.78
CA GLY A 224 -0.79 10.17 17.85
C GLY A 224 -1.77 11.25 18.29
N THR A 225 -2.75 11.53 17.44
CA THR A 225 -3.83 12.47 17.77
C THR A 225 -4.54 11.96 19.02
N THR A 226 -4.67 12.84 20.01
CA THR A 226 -5.18 12.47 21.33
C THR A 226 -6.43 13.27 21.72
N TYR A 227 -7.41 12.57 22.28
CA TYR A 227 -8.55 13.21 22.90
C TYR A 227 -8.64 12.81 24.38
N ILE A 228 -9.08 13.74 25.22
CA ILE A 228 -9.29 13.48 26.65
C ILE A 228 -10.79 13.43 27.00
N PHE A 229 -11.16 12.41 27.77
CA PHE A 229 -12.54 12.18 28.18
C PHE A 229 -12.67 12.42 29.68
N SER A 230 -13.43 13.44 30.06
CA SER A 230 -13.51 13.87 31.46
C SER A 230 -14.92 13.78 32.04
N LYS A 231 -15.04 14.33 33.26
CA LYS A 231 -16.24 14.25 34.09
C LYS A 231 -17.56 14.37 33.30
N GLY A 232 -18.44 13.39 33.48
CA GLY A 232 -19.73 13.39 32.80
C GLY A 232 -19.73 12.54 31.54
N GLY A 233 -18.54 12.30 30.99
CA GLY A 233 -18.38 11.44 29.83
C GLY A 233 -18.58 12.17 28.52
N GLY A 234 -18.04 11.60 27.46
CA GLY A 234 -18.19 12.15 26.12
C GLY A 234 -18.21 11.07 25.07
N GLN A 235 -18.35 11.47 23.81
CA GLN A 235 -18.53 10.54 22.71
C GLN A 235 -18.13 11.15 21.37
N ILE A 236 -17.33 10.40 20.60
CA ILE A 236 -16.98 10.75 19.23
C ILE A 236 -17.55 9.65 18.33
N THR A 237 -18.37 10.04 17.37
CA THR A 237 -19.06 9.10 16.50
C THR A 237 -18.69 9.34 15.04
N TYR A 238 -18.26 8.27 14.37
CA TYR A 238 -18.09 8.29 12.93
C TYR A 238 -19.23 7.50 12.30
N LYS A 239 -19.96 8.13 11.40
CA LYS A 239 -21.04 7.50 10.67
C LYS A 239 -20.68 7.42 9.19
N TRP A 240 -20.61 6.20 8.67
CA TRP A 240 -20.36 6.00 7.23
C TRP A 240 -21.51 6.57 6.40
N PRO A 241 -21.19 7.27 5.28
CA PRO A 241 -22.24 7.58 4.30
C PRO A 241 -23.02 6.30 4.01
N PRO A 242 -24.36 6.36 4.09
CA PRO A 242 -25.21 5.16 4.04
C PRO A 242 -24.91 4.20 2.88
N ASN A 243 -24.38 4.75 1.78
CA ASN A 243 -24.02 3.93 0.62
C ASN A 243 -22.63 3.28 0.71
N ASP A 244 -21.75 3.88 1.52
CA ASP A 244 -20.36 3.41 1.65
C ASP A 244 -20.11 2.53 2.89
N ARG A 245 -21.20 1.99 3.45
CA ARG A 245 -21.10 1.09 4.60
C ARG A 245 -20.35 -0.20 4.25
N PRO A 246 -19.14 -0.38 4.79
CA PRO A 246 -18.33 -1.52 4.37
C PRO A 246 -18.72 -2.84 5.02
N SER A 247 -18.35 -3.93 4.36
CA SER A 247 -18.46 -5.27 4.92
C SER A 247 -17.10 -5.93 4.72
N THR A 248 -16.56 -6.52 5.78
CA THR A 248 -15.18 -6.99 5.77
C THR A 248 -15.04 -8.41 6.29
N ARG A 249 -14.06 -9.11 5.72
CA ARG A 249 -13.68 -10.44 6.17
C ARG A 249 -12.57 -10.36 7.23
N ALA A 250 -11.84 -9.24 7.23
CA ALA A 250 -10.69 -9.07 8.10
C ALA A 250 -10.66 -7.65 8.65
N ASP A 251 -10.41 -7.54 9.95
CA ASP A 251 -10.38 -6.24 10.61
C ASP A 251 -9.04 -6.01 11.29
N ARG A 252 -8.61 -4.75 11.32
CA ARG A 252 -7.41 -4.32 12.02
C ARG A 252 -7.76 -3.10 12.86
N LEU A 253 -7.42 -3.15 14.14
CA LEU A 253 -7.72 -2.07 15.08
C LEU A 253 -6.54 -1.81 16.01
N ALA A 254 -6.15 -0.55 16.14
CA ALA A 254 -5.14 -0.15 17.12
C ALA A 254 -5.54 1.15 17.77
N ILE A 255 -5.22 1.27 19.05
CA ILE A 255 -5.45 2.50 19.79
C ILE A 255 -4.51 2.54 20.98
N GLY A 256 -4.11 3.75 21.36
CA GLY A 256 -3.41 3.96 22.63
C GLY A 256 -4.36 4.60 23.64
N PHE A 257 -4.16 4.28 24.92
CA PHE A 257 -5.01 4.82 25.99
C PHE A 257 -4.27 4.97 27.32
N SER A 258 -4.78 5.85 28.18
CA SER A 258 -4.45 5.86 29.61
C SER A 258 -5.70 6.11 30.46
N THR A 259 -5.84 5.36 31.55
CA THR A 259 -7.06 5.41 32.39
C THR A 259 -6.82 4.72 33.73
N VAL A 260 -7.64 5.02 34.74
CA VAL A 260 -7.62 4.29 36.02
C VAL A 260 -8.87 3.42 36.26
N GLN A 261 -9.84 3.51 35.35
CA GLN A 261 -11.11 2.79 35.49
C GLN A 261 -10.93 1.28 35.36
N LYS A 262 -11.68 0.50 36.14
CA LYS A 262 -11.63 -0.94 35.90
C LYS A 262 -12.72 -1.45 34.95
N GLU A 263 -13.65 -0.57 34.57
CA GLU A 263 -14.74 -0.90 33.65
C GLU A 263 -15.02 0.30 32.75
N ALA A 264 -15.01 0.04 31.43
CA ALA A 264 -15.27 1.07 30.43
C ALA A 264 -15.34 0.46 29.03
N VAL A 265 -16.02 1.16 28.12
CA VAL A 265 -16.00 0.82 26.71
C VAL A 265 -15.25 1.92 25.99
N LEU A 266 -14.26 1.53 25.18
CA LEU A 266 -13.44 2.52 24.48
C LEU A 266 -13.95 2.76 23.09
N VAL A 267 -14.16 1.67 22.36
CA VAL A 267 -14.53 1.72 20.95
C VAL A 267 -15.56 0.64 20.65
N ARG A 268 -16.63 1.05 19.97
CA ARG A 268 -17.60 0.06 19.48
C ARG A 268 -17.94 0.33 18.02
N VAL A 269 -17.79 -0.71 17.21
CA VAL A 269 -18.21 -0.66 15.81
C VAL A 269 -19.51 -1.45 15.67
N ASP A 270 -20.56 -0.78 15.19
CA ASP A 270 -21.87 -1.39 15.06
C ASP A 270 -22.30 -1.46 13.60
N SER A 271 -22.90 -2.58 13.23
CA SER A 271 -23.63 -2.68 11.96
C SER A 271 -24.92 -1.85 12.06
N SER A 272 -25.54 -1.55 10.92
CA SER A 272 -26.81 -0.80 10.91
C SER A 272 -27.96 -1.54 11.62
N SER A 273 -29.07 -0.85 11.84
CA SER A 273 -30.23 -1.40 12.56
C SER A 273 -30.75 -2.68 11.94
N GLY A 274 -31.16 -3.62 12.78
CA GLY A 274 -31.70 -4.89 12.31
C GLY A 274 -30.63 -5.91 11.99
N LEU A 275 -29.38 -5.55 12.29
CA LEU A 275 -28.25 -6.46 12.13
C LEU A 275 -27.54 -6.57 13.47
N GLY A 276 -27.06 -7.76 13.80
CA GLY A 276 -26.46 -8.02 15.10
C GLY A 276 -24.95 -7.86 15.19
N ASP A 277 -24.29 -7.71 14.04
CA ASP A 277 -22.82 -7.64 14.00
C ASP A 277 -22.26 -6.41 14.71
N TYR A 278 -21.21 -6.64 15.51
CA TYR A 278 -20.53 -5.54 16.18
C TYR A 278 -19.11 -5.94 16.60
N LEU A 279 -18.27 -4.93 16.82
CA LEU A 279 -16.93 -5.10 17.38
C LEU A 279 -16.76 -4.16 18.57
N GLU A 280 -16.40 -4.69 19.73
CA GLU A 280 -16.26 -3.85 20.93
C GLU A 280 -14.94 -4.01 21.65
N LEU A 281 -14.23 -2.90 21.81
CA LEU A 281 -13.03 -2.85 22.62
C LEU A 281 -13.40 -2.28 24.01
N HIS A 282 -13.09 -3.02 25.06
CA HIS A 282 -13.51 -2.61 26.41
C HIS A 282 -12.49 -3.00 27.47
N ILE A 283 -12.64 -2.39 28.64
CA ILE A 283 -11.90 -2.75 29.84
C ILE A 283 -12.87 -3.37 30.84
N HIS A 284 -12.51 -4.55 31.33
CA HIS A 284 -13.28 -5.28 32.34
C HIS A 284 -12.29 -5.77 33.39
N GLN A 285 -12.58 -5.42 34.65
CA GLN A 285 -11.70 -5.75 35.80
C GLN A 285 -10.25 -5.29 35.57
N GLY A 286 -10.10 -4.11 34.99
CA GLY A 286 -8.78 -3.56 34.65
C GLY A 286 -7.99 -4.31 33.58
N LYS A 287 -8.68 -5.12 32.77
CA LYS A 287 -8.07 -5.87 31.68
C LYS A 287 -8.74 -5.49 30.37
N ILE A 288 -7.91 -5.30 29.34
CA ILE A 288 -8.40 -4.89 28.04
C ILE A 288 -8.83 -6.16 27.28
N GLY A 289 -9.88 -6.03 26.50
CA GLY A 289 -10.41 -7.16 25.77
C GLY A 289 -11.32 -6.73 24.64
N VAL A 290 -11.59 -7.66 23.74
CA VAL A 290 -12.46 -7.41 22.61
C VAL A 290 -13.55 -8.45 22.58
N LYS A 291 -14.78 -8.00 22.37
CA LYS A 291 -15.90 -8.88 22.12
C LYS A 291 -16.44 -8.49 20.76
N PHE A 292 -16.71 -9.48 19.92
CA PHE A 292 -17.30 -9.20 18.62
C PHE A 292 -18.30 -10.27 18.19
N ASN A 293 -19.17 -9.90 17.25
CA ASN A 293 -20.14 -10.82 16.66
C ASN A 293 -20.20 -10.63 15.15
N VAL A 294 -20.03 -11.72 14.40
CA VAL A 294 -20.13 -11.66 12.93
C VAL A 294 -21.29 -12.49 12.37
N GLY A 295 -22.19 -12.93 13.24
CA GLY A 295 -23.45 -13.50 12.79
C GLY A 295 -24.04 -14.64 13.59
N THR A 296 -23.20 -15.36 14.34
CA THR A 296 -23.68 -16.42 15.24
C THR A 296 -23.45 -16.06 16.71
N ASP A 297 -22.46 -16.70 17.34
CA ASP A 297 -22.13 -16.49 18.75
C ASP A 297 -21.20 -15.28 18.94
N ASP A 298 -21.26 -14.67 20.14
CA ASP A 298 -20.26 -13.68 20.53
C ASP A 298 -18.92 -14.39 20.66
N ILE A 299 -17.86 -13.74 20.19
CA ILE A 299 -16.48 -14.21 20.41
C ILE A 299 -15.77 -13.20 21.31
N ALA A 300 -15.15 -13.70 22.38
CA ALA A 300 -14.43 -12.84 23.31
C ALA A 300 -12.94 -13.20 23.33
N ILE A 301 -12.11 -12.17 23.32
CA ILE A 301 -10.66 -12.33 23.48
C ILE A 301 -10.15 -11.27 24.46
N GLU A 302 -9.29 -11.70 25.38
CA GLU A 302 -8.85 -10.85 26.48
C GLU A 302 -7.38 -11.04 26.82
N GLU A 303 -6.71 -9.93 27.14
CA GLU A 303 -5.39 -9.96 27.78
C GLU A 303 -5.64 -9.95 29.30
N SER A 304 -5.70 -11.15 29.88
CA SER A 304 -6.14 -11.35 31.26
C SER A 304 -5.05 -11.13 32.31
N ASN A 305 -3.80 -11.02 31.87
CA ASN A 305 -2.66 -10.94 32.78
C ASN A 305 -2.08 -9.55 32.99
N ALA A 306 -2.29 -8.65 32.03
CA ALA A 306 -1.82 -7.27 32.13
C ALA A 306 -2.88 -6.36 32.73
N ILE A 307 -2.56 -5.76 33.88
CA ILE A 307 -3.43 -4.79 34.52
C ILE A 307 -3.08 -3.44 33.90
N ILE A 308 -4.04 -2.84 33.21
CA ILE A 308 -3.78 -1.70 32.34
C ILE A 308 -4.47 -0.40 32.81
N ASN A 309 -5.15 -0.47 33.95
CA ASN A 309 -5.79 0.72 34.53
C ASN A 309 -4.91 1.43 35.58
N ASP A 310 -3.62 1.58 35.25
CA ASP A 310 -2.66 2.22 36.14
C ASP A 310 -2.45 3.69 35.84
N GLY A 311 -3.19 4.23 34.88
CA GLY A 311 -2.98 5.61 34.43
C GLY A 311 -1.74 5.81 33.57
N LYS A 312 -1.10 4.71 33.17
CA LYS A 312 0.03 4.76 32.23
C LYS A 312 -0.41 4.48 30.79
N TYR A 313 0.29 5.07 29.82
CA TYR A 313 0.00 4.82 28.41
C TYR A 313 0.17 3.35 28.02
N HIS A 314 -0.82 2.84 27.31
CA HIS A 314 -0.78 1.48 26.77
C HIS A 314 -1.23 1.48 25.32
N VAL A 315 -0.70 0.53 24.55
CA VAL A 315 -1.14 0.32 23.17
C VAL A 315 -1.85 -1.02 23.07
N VAL A 316 -3.02 -1.03 22.41
CA VAL A 316 -3.67 -2.30 22.12
C VAL A 316 -3.86 -2.53 20.61
N ARG A 317 -3.60 -3.75 20.17
CA ARG A 317 -3.78 -4.08 18.76
CA ARG A 317 -3.71 -4.12 18.76
C ARG A 317 -4.62 -5.33 18.58
N PHE A 318 -5.65 -5.17 17.76
CA PHE A 318 -6.59 -6.24 17.50
C PHE A 318 -6.64 -6.55 16.00
N THR A 319 -6.56 -7.83 15.67
CA THR A 319 -6.85 -8.26 14.31
C THR A 319 -7.96 -9.31 14.32
N ARG A 320 -8.79 -9.28 13.28
CA ARG A 320 -9.80 -10.31 13.08
C ARG A 320 -9.65 -10.88 11.67
N SER A 321 -9.70 -12.20 11.58
CA SER A 321 -9.82 -12.86 10.29
C SER A 321 -10.97 -13.88 10.37
N GLY A 322 -12.10 -13.54 9.76
CA GLY A 322 -13.31 -14.33 9.94
C GLY A 322 -13.67 -14.41 11.41
N GLY A 323 -13.64 -15.62 11.96
CA GLY A 323 -13.89 -15.84 13.39
C GLY A 323 -12.63 -15.80 14.24
N ASN A 324 -11.48 -15.97 13.58
CA ASN A 324 -10.17 -15.91 14.24
C ASN A 324 -9.82 -14.51 14.69
N ALA A 325 -9.13 -14.39 15.83
CA ALA A 325 -8.73 -13.08 16.35
C ALA A 325 -7.37 -13.11 17.06
N THR A 326 -6.67 -11.97 17.02
CA THR A 326 -5.49 -11.77 17.88
C THR A 326 -5.60 -10.46 18.66
N LEU A 327 -5.00 -10.46 19.84
CA LEU A 327 -4.95 -9.29 20.69
C LEU A 327 -3.56 -9.18 21.30
N GLN A 328 -3.07 -7.95 21.39
CA GLN A 328 -1.79 -7.69 21.99
C GLN A 328 -1.81 -6.34 22.69
N VAL A 329 -1.39 -6.36 23.95
CA VAL A 329 -1.20 -5.15 24.73
C VAL A 329 0.29 -4.89 24.79
N ASP A 330 0.71 -3.67 24.43
CA ASP A 330 2.11 -3.26 24.52
C ASP A 330 3.00 -4.28 23.82
N SER A 331 4.01 -4.81 24.54
CA SER A 331 4.88 -5.87 24.00
C SER A 331 4.65 -7.25 24.66
N TRP A 332 3.50 -7.46 25.27
CA TRP A 332 3.16 -8.77 25.83
C TRP A 332 3.00 -9.80 24.70
N PRO A 333 3.14 -11.09 25.02
CA PRO A 333 2.88 -12.10 24.00
C PRO A 333 1.50 -11.94 23.36
N VAL A 334 1.41 -12.21 22.06
CA VAL A 334 0.16 -12.09 21.32
C VAL A 334 -0.85 -13.17 21.74
N ILE A 335 -2.06 -12.74 22.08
CA ILE A 335 -3.16 -13.66 22.37
C ILE A 335 -3.87 -14.05 21.08
N GLU A 336 -4.02 -15.35 20.85
CA GLU A 336 -4.74 -15.91 19.69
C GLU A 336 -6.02 -16.61 20.13
N ARG A 337 -7.08 -16.46 19.33
CA ARG A 337 -8.36 -17.10 19.60
C ARG A 337 -8.93 -17.72 18.32
N TYR A 338 -9.20 -19.03 18.37
CA TYR A 338 -9.84 -19.76 17.28
C TYR A 338 -11.15 -20.39 17.81
N PRO A 339 -12.31 -19.87 17.35
CA PRO A 339 -13.66 -20.05 17.92
C PRO A 339 -14.12 -21.45 18.34
N ALA A 340 -14.75 -21.51 19.52
CA ALA A 340 -15.61 -22.62 19.91
C ALA A 340 -16.99 -22.34 19.33
N GLY A 341 -17.64 -23.38 18.79
CA GLY A 341 -18.91 -23.21 18.08
C GLY A 341 -18.70 -22.76 16.63
N ARG A 342 -19.74 -22.90 15.81
CA ARG A 342 -19.64 -22.57 14.39
C ARG A 342 -19.73 -21.06 14.15
N GLN A 343 -19.08 -20.59 13.08
CA GLN A 343 -18.94 -19.15 12.82
C GLN A 343 -19.07 -18.74 11.35
N LEU A 344 -19.46 -17.48 11.13
CA LEU A 344 -19.44 -16.84 9.81
C LEU A 344 -18.13 -16.04 9.68
N THR A 345 -17.93 -15.32 8.57
CA THR A 345 -16.65 -14.61 8.36
C THR A 345 -16.75 -13.10 8.08
N ILE A 346 -17.91 -12.63 7.62
CA ILE A 346 -18.05 -11.23 7.25
C ILE A 346 -18.67 -10.39 8.37
N PHE A 347 -18.00 -9.28 8.69
CA PHE A 347 -18.59 -8.22 9.52
C PHE A 347 -19.41 -7.33 8.56
N ASN A 348 -20.72 -7.58 8.55
CA ASN A 348 -21.67 -6.97 7.58
C ASN A 348 -22.06 -5.54 7.88
N SER A 349 -22.03 -4.71 6.84
CA SER A 349 -22.71 -3.40 6.84
C SER A 349 -22.39 -2.50 8.05
N GLN A 350 -21.10 -2.23 8.24
CA GLN A 350 -20.62 -1.39 9.33
C GLN A 350 -21.14 0.04 9.18
N ALA A 351 -21.84 0.52 10.21
CA ALA A 351 -22.56 1.79 10.17
C ALA A 351 -21.94 2.91 11.02
N THR A 352 -21.51 2.58 12.23
CA THR A 352 -20.91 3.60 13.13
C THR A 352 -19.68 3.13 13.88
N ILE A 353 -18.79 4.08 14.17
CA ILE A 353 -17.71 3.89 15.13
C ILE A 353 -17.96 4.83 16.31
N ILE A 354 -18.23 4.25 17.47
CA ILE A 354 -18.52 5.03 18.67
C ILE A 354 -17.37 4.91 19.68
N ILE A 355 -16.77 6.06 19.96
CA ILE A 355 -15.62 6.18 20.83
C ILE A 355 -15.99 6.93 22.10
N GLY A 356 -15.76 6.33 23.25
CA GLY A 356 -16.04 6.98 24.53
C GLY A 356 -16.94 6.23 25.49
N GLY A 357 -17.70 5.26 24.97
CA GLY A 357 -18.51 4.34 25.79
C GLY A 357 -19.77 4.85 26.50
N LYS A 358 -20.11 6.12 26.31
CA LYS A 358 -21.24 6.73 27.02
C LYS A 358 -22.59 6.08 26.66
N GLU A 359 -22.89 5.98 25.37
CA GLU A 359 -24.13 5.37 24.88
C GLU A 359 -24.26 3.89 25.27
N GLN A 360 -23.12 3.20 25.41
CA GLN A 360 -23.11 1.80 25.81
C GLN A 360 -23.23 1.61 27.33
N GLY A 361 -23.43 2.70 28.07
CA GLY A 361 -23.56 2.65 29.53
C GLY A 361 -22.27 2.38 30.29
N GLN A 362 -21.13 2.51 29.59
CA GLN A 362 -19.82 2.33 30.22
C GLN A 362 -18.87 3.46 29.82
N PRO A 363 -19.13 4.69 30.30
CA PRO A 363 -18.37 5.84 29.84
C PRO A 363 -16.87 5.72 30.15
N PHE A 364 -16.05 6.09 29.17
CA PHE A 364 -14.60 6.09 29.31
C PHE A 364 -14.11 7.42 29.89
N GLN A 365 -13.17 7.31 30.83
CA GLN A 365 -12.52 8.46 31.43
C GLN A 365 -11.01 8.29 31.27
N GLY A 366 -10.36 9.29 30.69
CA GLY A 366 -8.93 9.24 30.41
C GLY A 366 -8.61 9.78 29.03
N GLN A 367 -7.50 9.32 28.47
CA GLN A 367 -7.08 9.77 27.13
C GLN A 367 -7.09 8.63 26.12
N LEU A 368 -7.51 8.93 24.89
CA LEU A 368 -7.40 7.98 23.78
C LEU A 368 -6.59 8.61 22.63
N SER A 369 -5.71 7.81 22.03
CA SER A 369 -4.74 8.28 21.03
C SER A 369 -4.59 7.36 19.82
N GLY A 370 -4.44 7.96 18.64
CA GLY A 370 -4.01 7.26 17.43
C GLY A 370 -4.86 6.06 17.04
N LEU A 371 -6.17 6.19 17.20
CA LEU A 371 -7.10 5.14 16.80
C LEU A 371 -7.01 4.90 15.30
N TYR A 372 -6.81 3.65 14.94
CA TYR A 372 -6.80 3.25 13.54
C TYR A 372 -7.75 2.06 13.38
N TYR A 373 -8.62 2.12 12.37
CA TYR A 373 -9.55 1.04 12.08
C TYR A 373 -9.76 0.87 10.57
N ASN A 374 -9.31 -0.26 10.02
CA ASN A 374 -9.47 -0.60 8.59
C ASN A 374 -9.23 0.59 7.66
N GLY A 375 -8.06 1.22 7.80
CA GLY A 375 -7.68 2.33 6.93
C GLY A 375 -8.02 3.72 7.45
N LEU A 376 -8.87 3.78 8.47
CA LEU A 376 -9.38 5.05 8.98
C LEU A 376 -8.66 5.49 10.26
N LYS A 377 -7.96 6.62 10.18
CA LYS A 377 -7.36 7.23 11.36
C LYS A 377 -8.42 8.13 11.98
N VAL A 378 -9.28 7.53 12.79
CA VAL A 378 -10.55 8.14 13.21
C VAL A 378 -10.37 9.42 14.04
N LEU A 379 -9.42 9.43 14.95
CA LEU A 379 -9.16 10.61 15.77
C LEU A 379 -8.54 11.76 14.96
N ASN A 380 -7.70 11.43 13.99
CA ASN A 380 -7.17 12.42 13.05
C ASN A 380 -8.31 13.12 12.30
N MET A 381 -9.26 12.31 11.81
CA MET A 381 -10.40 12.81 11.06
C MET A 381 -11.29 13.72 11.90
N ALA A 382 -11.51 13.34 13.16
CA ALA A 382 -12.22 14.19 14.12
C ALA A 382 -11.50 15.54 14.31
N ALA A 383 -10.19 15.48 14.48
CA ALA A 383 -9.35 16.68 14.63
C ALA A 383 -9.41 17.60 13.42
N GLU A 384 -9.53 17.00 12.22
CA GLU A 384 -9.60 17.76 10.98
C GLU A 384 -11.05 18.02 10.53
N ASN A 385 -11.98 17.89 11.48
CA ASN A 385 -13.41 18.23 11.30
C ASN A 385 -14.13 17.55 10.14
N ASP A 386 -13.80 16.28 9.91
CA ASP A 386 -14.46 15.47 8.89
C ASP A 386 -15.97 15.57 9.06
N ALA A 387 -16.69 15.67 7.94
CA ALA A 387 -18.15 15.89 7.94
C ALA A 387 -18.97 14.71 8.49
N ASN A 388 -18.37 13.52 8.56
CA ASN A 388 -19.04 12.34 9.09
C ASN A 388 -18.71 12.05 10.56
N ILE A 389 -18.12 13.04 11.23
CA ILE A 389 -17.74 12.94 12.63
C ILE A 389 -18.66 13.82 13.51
N ALA A 390 -19.21 13.24 14.56
CA ALA A 390 -19.95 14.00 15.57
C ALA A 390 -19.33 13.83 16.97
N ILE A 391 -19.08 14.95 17.65
CA ILE A 391 -18.44 14.95 18.97
C ILE A 391 -19.34 15.62 20.00
N VAL A 392 -19.75 14.86 21.03
CA VAL A 392 -20.62 15.39 22.10
C VAL A 392 -20.04 15.17 23.50
N GLY A 393 -20.52 15.96 24.47
CA GLY A 393 -20.15 15.79 25.88
C GLY A 393 -18.78 16.33 26.23
N ASN A 394 -18.22 15.80 27.30
CA ASN A 394 -16.97 16.31 27.85
C ASN A 394 -15.73 15.66 27.20
N VAL A 395 -15.49 16.01 25.95
CA VAL A 395 -14.34 15.50 25.18
C VAL A 395 -13.60 16.69 24.60
N ARG A 396 -12.28 16.68 24.72
CA ARG A 396 -11.48 17.72 24.05
C ARG A 396 -10.20 17.18 23.45
N LEU A 397 -9.82 17.79 22.33
CA LEU A 397 -8.57 17.53 21.66
C LEU A 397 -7.41 18.03 22.51
N VAL A 398 -6.43 17.15 22.74
CA VAL A 398 -5.16 17.54 23.32
C VAL A 398 -4.35 18.16 22.18
N GLY A 399 -4.23 19.49 22.18
CA GLY A 399 -3.70 20.26 21.05
C GLY A 399 -2.20 20.16 20.86
#